data_6FGZ
#
_entry.id   6FGZ
#
_cell.length_a   188.219
_cell.length_b   188.219
_cell.length_c   163.627
_cell.angle_alpha   90.00
_cell.angle_beta   90.00
_cell.angle_gamma   120.00
#
_symmetry.space_group_name_H-M   'P 62 2 2'
#
_entity_poly.entity_id   1
_entity_poly.type   'polypeptide(L)'
_entity_poly.pdbx_seq_one_letter_code
;MERLIPIVNKLQDLFAETGLDSPIDLPQIMVVGAQSSGKSSVLENVVGESIFPRGTGIVTRRPIVVQLYCTARERLNQSG
APDNMFNEDGSYVLSDGAPTDPRSIPPGAENQAYAEFLHKPGVRFYNFDDVRAEIERETDRVTGKNKGISPKAINLRVYS
PHVVNLTVVDLPGLTKVPVGDQPSDIERLIRAMVLSYIERPNAIILAVHPATMDLATSDALQIARQADPEGRRTLGVITK
LDLMDKGTDAMEMLTGKVIPLKLGYIGVICRGPADLRAGKSIQQAREDEIRFFRSHPVYRRLLPQLGTNTLARTLSTLLM
KHIRDTLPSIRQKMSQQLAEWRKELQTLGPAFEGADDLGGALLNVINRYSSEFAKSLEGNSQQTVNTQELYGGARINYIF
NDIYAKELQSMNAFEGLTREDIRTAIRNATGHRSPLFVPELAFELLVKKQITHFVPPAYSCVDLVYDELVRLALNCETEL
LQRYENLRSEILACAQNLLRELKQPCLEMVQNLIAMETSYISVNHKDFIGGNKAMSQLVRARMEEEERRTRSAKAANSTD
NAANSAPKESNANDNRILQPRRRNQDENAKKNDDARRKDDKSPNKTDASNAEKDARSDRNPRGDPTMDNFFNEADEDEED
GNERRNRGLHTLPSVPEHLKAGEVSSDRDRDDIELIQTLLASYFDVVRVNMMDMVPKAIMSFLVLRARDRMQSRLVADLY
KPERMSELLNESSDVAERRATAKRMVDLLQRGMAVINEVRDVHVKEEIHHHHHH
;
_entity_poly.pdbx_strand_id   A
#
# COMPACT_ATOMS: atom_id res chain seq x y z
N MET A 1 -0.43 17.97 -20.02
CA MET A 1 -1.87 18.31 -20.29
C MET A 1 -2.62 18.58 -19.01
N GLU A 2 -3.18 19.80 -18.84
CA GLU A 2 -3.95 20.19 -17.67
C GLU A 2 -5.22 19.39 -17.47
N ARG A 3 -5.95 19.14 -18.59
CA ARG A 3 -7.27 18.53 -18.68
C ARG A 3 -7.44 17.19 -17.95
N LEU A 4 -6.37 16.40 -17.83
CA LEU A 4 -6.39 15.07 -17.26
C LEU A 4 -6.87 14.99 -15.81
N ILE A 5 -6.38 15.90 -14.92
CA ILE A 5 -6.83 15.94 -13.53
C ILE A 5 -8.32 16.33 -13.39
N PRO A 6 -8.88 17.34 -14.07
CA PRO A 6 -10.33 17.55 -14.10
C PRO A 6 -11.14 16.43 -14.70
N ILE A 7 -10.63 15.67 -15.70
CA ILE A 7 -11.30 14.48 -16.22
C ILE A 7 -11.39 13.38 -15.17
N VAL A 8 -10.30 13.09 -14.43
CA VAL A 8 -10.29 12.12 -13.33
C VAL A 8 -11.24 12.50 -12.21
N ASN A 9 -11.33 13.80 -11.88
CA ASN A 9 -12.29 14.31 -10.93
C ASN A 9 -13.74 14.01 -11.31
N LYS A 10 -14.12 14.25 -12.58
CA LYS A 10 -15.45 13.91 -13.08
C LYS A 10 -15.76 12.41 -13.00
N LEU A 11 -14.75 11.55 -13.27
CA LEU A 11 -14.88 10.11 -13.07
C LEU A 11 -15.12 9.74 -11.60
N GLN A 12 -14.44 10.64 -10.40
CA GLN A 12 -14.50 10.26 -9.02
C GLN A 12 -15.86 10.56 -8.49
N ASP A 13 -16.43 11.71 -8.91
CA ASP A 13 -17.70 12.15 -8.43
C ASP A 13 -18.74 11.17 -8.89
N LEU A 14 -18.61 10.69 -10.15
CA LEU A 14 -19.54 9.75 -10.73
C LEU A 14 -19.50 8.48 -9.94
N PHE A 15 -18.30 7.97 -9.63
CA PHE A 15 -18.22 6.75 -8.91
C PHE A 15 -18.82 6.87 -7.55
N ALA A 16 -18.56 7.98 -6.87
CA ALA A 16 -19.11 8.21 -5.54
C ALA A 16 -20.63 8.23 -5.59
N GLU A 17 -21.15 8.86 -6.62
CA GLU A 17 -22.58 8.89 -6.77
C GLU A 17 -22.88 7.41 -6.83
N THR A 18 -22.03 6.70 -7.57
CA THR A 18 -22.15 5.27 -7.63
C THR A 18 -21.92 4.82 -6.19
N GLY A 19 -21.05 5.53 -5.49
CA GLY A 19 -20.77 5.18 -4.12
C GLY A 19 -19.44 4.46 -4.03
N LEU A 20 -18.71 4.51 -5.14
CA LEU A 20 -17.40 3.89 -5.19
C LEU A 20 -17.43 2.42 -4.85
N ASP A 21 -18.41 1.71 -5.38
CA ASP A 21 -18.47 0.29 -5.10
C ASP A 21 -17.46 -0.28 -6.07
N SER A 22 -16.23 0.23 -5.94
CA SER A 22 -15.11 -0.21 -6.77
C SER A 22 -15.47 -0.10 -8.25
N PRO A 23 -15.17 -1.16 -9.00
CA PRO A 23 -15.44 -1.35 -10.43
C PRO A 23 -14.41 -0.69 -11.35
N ILE A 24 -13.77 -0.04 -11.19
CA ILE A 24 -13.11 0.73 -12.24
C ILE A 24 -11.60 0.88 -12.05
N ASP A 25 -11.14 1.15 -10.80
CA ASP A 25 -9.76 1.47 -10.45
C ASP A 25 -9.22 2.78 -11.07
N LEU A 26 -9.76 3.93 -10.63
CA LEU A 26 -9.30 5.25 -11.04
C LEU A 26 -7.89 5.64 -10.55
N PRO A 27 -7.13 6.47 -11.27
CA PRO A 27 -5.73 6.74 -10.93
C PRO A 27 -5.65 7.97 -10.03
N GLN A 28 -5.14 7.79 -8.80
CA GLN A 28 -5.34 8.78 -7.76
C GLN A 28 -4.36 8.58 -6.63
N ILE A 29 -4.28 9.54 -5.68
CA ILE A 29 -3.36 9.48 -4.55
C ILE A 29 -4.13 9.28 -3.26
N MET A 30 -3.74 8.25 -2.47
CA MET A 30 -4.38 7.85 -1.23
C MET A 30 -3.46 8.13 -0.05
N VAL A 31 -3.93 8.92 0.93
CA VAL A 31 -3.13 9.30 2.09
C VAL A 31 -3.25 8.30 3.21
N VAL A 32 -2.10 7.73 3.62
CA VAL A 32 -2.03 6.75 4.69
C VAL A 32 -1.12 7.28 5.77
N GLY A 33 -1.64 7.41 7.01
CA GLY A 33 -0.86 7.91 8.12
C GLY A 33 -1.48 7.49 9.41
N ALA A 34 -0.67 7.37 10.46
CA ALA A 34 -1.15 7.34 11.82
C ALA A 34 -1.69 8.71 12.24
N GLN A 35 -2.66 8.76 13.18
CA GLN A 35 -3.28 10.00 13.62
C GLN A 35 -2.29 11.02 14.17
N SER A 36 -1.18 10.55 14.79
CA SER A 36 -0.17 11.41 15.38
C SER A 36 0.92 11.82 14.40
N SER A 37 0.80 11.48 13.09
CA SER A 37 1.67 12.01 12.05
C SER A 37 1.44 13.50 11.79
N GLY A 38 0.17 13.95 11.88
CA GLY A 38 -0.21 15.30 11.49
C GLY A 38 -0.62 15.41 10.05
N LYS A 39 -1.17 14.32 9.46
CA LYS A 39 -1.66 14.31 8.09
C LYS A 39 -2.74 15.35 7.78
N SER A 40 -3.64 15.65 8.74
CA SER A 40 -4.62 16.72 8.62
C SER A 40 -3.98 18.08 8.43
N SER A 41 -2.90 18.38 9.19
CA SER A 41 -2.08 19.58 9.03
C SER A 41 -1.37 19.63 7.68
N VAL A 42 -0.91 18.47 7.13
CA VAL A 42 -0.36 18.40 5.78
C VAL A 42 -1.40 18.79 4.73
N LEU A 43 -2.64 18.27 4.84
CA LEU A 43 -3.74 18.64 3.97
C LEU A 43 -4.14 20.11 4.09
N GLU A 44 -4.23 20.67 5.32
CA GLU A 44 -4.42 22.10 5.54
C GLU A 44 -3.31 22.95 4.94
N ASN A 45 -2.03 22.54 5.10
CA ASN A 45 -0.88 23.19 4.51
C ASN A 45 -0.95 23.28 2.98
N VAL A 46 -1.40 22.22 2.28
CA VAL A 46 -1.62 22.26 0.84
C VAL A 46 -2.74 23.23 0.43
N VAL A 47 -3.91 23.18 1.09
CA VAL A 47 -5.04 24.03 0.74
C VAL A 47 -4.86 25.51 1.12
N GLY A 48 -4.30 25.80 2.30
CA GLY A 48 -4.06 27.16 2.75
C GLY A 48 -5.12 27.74 3.68
N GLU A 49 -6.18 26.97 3.97
CA GLU A 49 -7.23 27.36 4.88
C GLU A 49 -7.51 26.23 5.86
N SER A 50 -8.12 26.53 7.03
CA SER A 50 -8.15 25.60 8.16
C SER A 50 -9.42 24.80 8.20
N ILE A 51 -9.58 23.90 7.22
CA ILE A 51 -10.82 23.22 6.93
C ILE A 51 -10.91 21.81 7.46
N PHE A 52 -9.89 21.28 8.14
CA PHE A 52 -9.96 19.92 8.65
C PHE A 52 -10.39 19.91 10.12
N PRO A 53 -11.31 19.04 10.56
CA PRO A 53 -11.75 19.01 11.94
C PRO A 53 -10.71 18.36 12.85
N ARG A 54 -10.71 18.77 14.13
CA ARG A 54 -9.62 18.49 15.04
C ARG A 54 -10.18 18.20 16.43
N GLY A 55 -9.38 17.55 17.31
CA GLY A 55 -9.84 17.13 18.64
C GLY A 55 -10.91 16.07 18.56
N VAL A 59 -12.06 12.29 14.55
CA VAL A 59 -12.51 10.91 14.43
C VAL A 59 -13.33 10.69 13.16
N THR A 60 -12.75 11.06 12.01
CA THR A 60 -13.30 10.87 10.67
C THR A 60 -13.52 9.41 10.33
N ARG A 61 -14.76 9.00 10.00
CA ARG A 61 -15.12 7.61 9.77
C ARG A 61 -15.45 7.32 8.31
N ARG A 62 -15.01 8.18 7.38
CA ARG A 62 -15.25 8.04 5.95
C ARG A 62 -14.04 8.55 5.19
N PRO A 63 -13.66 8.01 4.04
CA PRO A 63 -12.76 8.65 3.09
C PRO A 63 -13.17 10.05 2.66
N ILE A 64 -12.25 11.03 2.67
CA ILE A 64 -12.52 12.38 2.21
C ILE A 64 -11.72 12.61 0.94
N VAL A 65 -12.41 12.77 -0.20
CA VAL A 65 -11.81 13.07 -1.49
C VAL A 65 -11.75 14.59 -1.62
N VAL A 66 -10.54 15.13 -1.85
CA VAL A 66 -10.29 16.56 -1.85
C VAL A 66 -9.72 16.94 -3.20
N GLN A 67 -10.42 17.82 -3.96
CA GLN A 67 -10.05 18.21 -5.31
C GLN A 67 -9.88 19.73 -5.39
N LEU A 68 -8.83 20.26 -6.08
CA LEU A 68 -8.45 21.69 -5.99
C LEU A 68 -8.51 22.51 -7.32
N TYR A 69 -9.16 23.73 -7.38
CA TYR A 69 -9.49 24.43 -8.66
C TYR A 69 -9.81 25.97 -8.61
N ALA A 113 -11.58 32.40 -1.82
CA ALA A 113 -11.56 30.95 -1.77
C ALA A 113 -13.01 30.47 -1.62
N TYR A 114 -13.34 29.24 -2.04
CA TYR A 114 -14.65 28.69 -1.76
C TYR A 114 -14.58 27.18 -1.85
N ALA A 115 -15.66 26.49 -1.46
CA ALA A 115 -15.76 25.07 -1.71
C ALA A 115 -17.17 24.67 -2.10
N GLU A 116 -17.33 23.44 -2.61
CA GLU A 116 -18.62 22.86 -2.93
C GLU A 116 -18.53 21.37 -2.64
N PHE A 117 -19.66 20.75 -2.27
CA PHE A 117 -19.69 19.37 -1.81
C PHE A 117 -20.57 18.58 -2.75
N LEU A 118 -20.15 17.36 -3.12
CA LEU A 118 -20.96 16.49 -3.98
C LEU A 118 -22.29 16.07 -3.36
N HIS A 119 -22.33 15.95 -2.01
CA HIS A 119 -23.56 15.61 -1.29
C HIS A 119 -24.37 16.88 -0.94
N LYS A 120 -24.01 18.04 -1.53
CA LYS A 120 -24.80 19.27 -1.53
C LYS A 120 -24.73 19.92 -2.92
N PRO A 121 -25.23 19.32 -4.01
CA PRO A 121 -24.88 19.71 -5.38
C PRO A 121 -25.07 21.18 -5.73
N GLY A 122 -23.98 21.83 -6.14
CA GLY A 122 -24.04 23.23 -6.53
C GLY A 122 -24.02 24.18 -5.34
N VAL A 123 -23.16 23.89 -4.38
CA VAL A 123 -23.06 24.73 -3.20
C VAL A 123 -21.74 25.51 -3.14
N ARG A 124 -21.86 26.83 -3.13
CA ARG A 124 -20.69 27.69 -3.08
C ARG A 124 -20.40 28.12 -1.65
N PHE A 125 -19.85 27.20 -0.86
CA PHE A 125 -19.53 27.50 0.51
C PHE A 125 -18.44 28.55 0.52
N TYR A 126 -18.78 29.79 0.90
CA TYR A 126 -17.85 30.90 0.95
C TYR A 126 -17.35 31.12 2.38
N ASN A 127 -17.63 30.17 3.28
CA ASN A 127 -17.16 30.18 4.64
C ASN A 127 -16.45 28.86 4.90
N PHE A 128 -15.15 28.90 5.25
CA PHE A 128 -14.34 27.70 5.46
C PHE A 128 -14.67 26.98 6.76
N ASP A 129 -15.24 27.70 7.76
CA ASP A 129 -15.78 27.11 8.97
C ASP A 129 -16.98 26.21 8.71
N ASP A 130 -17.92 26.61 7.83
CA ASP A 130 -19.00 25.76 7.35
C ASP A 130 -18.52 24.54 6.57
N VAL A 131 -17.45 24.68 5.76
CA VAL A 131 -16.81 23.54 5.11
C VAL A 131 -16.27 22.52 6.11
N ARG A 132 -15.57 22.99 7.16
CA ARG A 132 -15.08 22.12 8.22
C ARG A 132 -16.20 21.43 9.00
N ALA A 133 -17.24 22.20 9.37
CA ALA A 133 -18.41 21.70 10.05
C ALA A 133 -19.23 20.70 9.24
N GLU A 134 -19.34 20.88 7.91
CA GLU A 134 -19.97 19.91 7.03
C GLU A 134 -19.25 18.56 6.96
N ILE A 135 -17.90 18.55 7.01
CA ILE A 135 -17.10 17.33 7.14
C ILE A 135 -17.43 16.57 8.43
N GLU A 136 -17.58 17.30 9.57
CA GLU A 136 -18.06 16.74 10.82
C GLU A 136 -19.49 16.19 10.71
N ARG A 137 -20.43 16.97 10.13
CA ARG A 137 -21.81 16.55 9.93
C ARG A 137 -21.99 15.33 9.03
N GLU A 138 -21.28 15.27 7.88
CA GLU A 138 -21.38 14.17 6.93
C GLU A 138 -20.61 12.93 7.41
N THR A 139 -19.71 13.08 8.40
CA THR A 139 -19.16 11.97 9.16
C THR A 139 -20.14 11.43 10.18
N ASP A 140 -20.72 12.29 11.03
CA ASP A 140 -21.63 11.90 12.09
C ASP A 140 -22.94 11.31 11.57
N ARG A 141 -23.44 11.80 10.42
CA ARG A 141 -24.65 11.34 9.77
C ARG A 141 -24.68 9.85 9.44
N VAL A 142 -23.52 9.18 9.27
CA VAL A 142 -23.48 7.74 9.01
C VAL A 142 -23.24 6.92 10.27
N SER A 150 -17.33 3.73 7.15
CA SER A 150 -18.15 3.60 5.94
C SER A 150 -17.29 3.78 4.70
N PRO A 151 -17.38 2.93 3.66
CA PRO A 151 -16.58 3.08 2.45
C PRO A 151 -17.14 4.15 1.53
N LYS A 152 -18.34 4.72 1.81
CA LYS A 152 -18.86 5.75 0.94
C LYS A 152 -18.15 7.08 1.16
N ALA A 153 -17.36 7.49 0.16
CA ALA A 153 -16.59 8.71 0.17
C ALA A 153 -17.40 10.01 0.36
N ILE A 154 -16.75 11.00 0.95
CA ILE A 154 -17.19 12.39 0.95
C ILE A 154 -16.36 13.06 -0.11
N ASN A 155 -16.97 13.79 -1.07
CA ASN A 155 -16.21 14.48 -2.09
C ASN A 155 -16.40 15.97 -1.87
N LEU A 156 -15.28 16.65 -1.63
CA LEU A 156 -15.19 18.05 -1.35
C LEU A 156 -14.28 18.68 -2.37
N ARG A 157 -14.85 19.61 -3.17
CA ARG A 157 -14.09 20.35 -4.14
C ARG A 157 -13.81 21.72 -3.54
N VAL A 158 -12.53 22.00 -3.21
CA VAL A 158 -12.12 23.28 -2.63
C VAL A 158 -11.44 24.05 -3.73
N TYR A 159 -11.81 25.30 -3.91
CA TYR A 159 -11.28 26.11 -4.97
C TYR A 159 -10.61 27.30 -4.35
N SER A 160 -9.32 27.46 -4.63
CA SER A 160 -8.48 28.47 -4.05
C SER A 160 -7.47 28.69 -5.14
N PRO A 161 -6.71 29.77 -5.23
CA PRO A 161 -5.91 29.97 -6.43
C PRO A 161 -4.48 29.99 -5.95
N HIS A 162 -4.32 29.68 -4.65
CA HIS A 162 -3.08 29.66 -3.93
C HIS A 162 -2.71 28.20 -3.68
N VAL A 163 -3.30 27.32 -4.50
CA VAL A 163 -3.16 25.88 -4.48
C VAL A 163 -2.88 25.46 -5.91
N VAL A 164 -2.34 24.26 -6.10
CA VAL A 164 -2.15 23.70 -7.43
C VAL A 164 -3.32 22.81 -7.80
N ASN A 165 -3.54 22.58 -9.11
CA ASN A 165 -4.47 21.57 -9.62
C ASN A 165 -4.04 20.18 -9.17
N LEU A 166 -4.81 19.58 -8.24
CA LEU A 166 -4.42 18.38 -7.54
C LEU A 166 -5.67 17.73 -6.98
N THR A 167 -5.61 16.41 -6.78
CA THR A 167 -6.69 15.64 -6.19
C THR A 167 -6.06 14.60 -5.29
N VAL A 168 -6.59 14.46 -4.07
CA VAL A 168 -6.02 13.60 -3.06
C VAL A 168 -7.15 13.02 -2.23
N VAL A 169 -7.01 11.78 -1.75
CA VAL A 169 -8.02 11.13 -0.94
C VAL A 169 -7.44 10.86 0.43
N ASP A 170 -8.05 11.43 1.48
CA ASP A 170 -7.68 11.19 2.85
C ASP A 170 -8.47 10.00 3.39
N LEU A 171 -7.80 9.17 4.21
CA LEU A 171 -8.38 7.97 4.77
C LEU A 171 -8.37 8.10 6.29
N PRO A 172 -9.25 7.48 7.07
CA PRO A 172 -9.13 7.42 8.52
C PRO A 172 -7.77 6.98 9.03
N GLY A 173 -7.17 7.71 10.00
CA GLY A 173 -5.82 7.40 10.46
C GLY A 173 -5.75 6.28 11.48
N LEU A 174 -4.63 5.53 11.45
CA LEU A 174 -4.36 4.46 12.39
C LEU A 174 -3.88 4.98 13.74
N THR A 175 -3.99 4.16 14.79
CA THR A 175 -3.58 4.50 16.15
C THR A 175 -2.60 3.48 16.65
N LYS A 176 -1.80 3.86 17.68
CA LYS A 176 -0.87 2.94 18.31
C LYS A 176 -1.42 2.48 19.65
N ASP A 185 -10.67 -3.40 17.44
CA ASP A 185 -11.46 -3.87 16.33
C ASP A 185 -11.82 -2.73 15.38
N ILE A 186 -12.18 -1.54 15.92
CA ILE A 186 -12.47 -0.32 15.17
C ILE A 186 -11.26 0.13 14.34
N GLU A 187 -10.06 0.07 14.94
CA GLU A 187 -8.79 0.28 14.27
C GLU A 187 -8.50 -0.74 13.17
N ARG A 188 -8.83 -2.03 13.39
CA ARG A 188 -8.77 -3.05 12.36
C ARG A 188 -9.75 -2.83 11.21
N LEU A 189 -10.96 -2.33 11.48
CA LEU A 189 -11.89 -1.86 10.46
C LEU A 189 -11.33 -0.69 9.65
N ILE A 190 -10.66 0.29 10.28
CA ILE A 190 -9.89 1.32 9.57
C ILE A 190 -8.76 0.73 8.73
N ARG A 191 -7.98 -0.21 9.29
CA ARG A 191 -6.88 -0.88 8.62
C ARG A 191 -7.31 -1.67 7.38
N ALA A 192 -8.42 -2.43 7.48
CA ALA A 192 -9.08 -3.07 6.36
C ALA A 192 -9.64 -2.08 5.33
N MET A 193 -10.24 -0.97 5.80
CA MET A 193 -10.75 0.09 4.94
C MET A 193 -9.64 0.75 4.11
N VAL A 194 -8.46 1.02 4.71
CA VAL A 194 -7.30 1.52 3.99
C VAL A 194 -6.85 0.57 2.88
N LEU A 195 -6.82 -0.76 3.14
CA LEU A 195 -6.49 -1.76 2.13
C LEU A 195 -7.41 -1.73 0.91
N SER A 196 -8.73 -1.55 1.09
CA SER A 196 -9.70 -1.36 0.01
C SER A 196 -9.40 -0.21 -0.95
N TYR A 197 -8.55 0.76 -0.51
CA TYR A 197 -8.11 1.85 -1.35
C TYR A 197 -6.67 1.75 -1.83
N ILE A 198 -5.78 0.99 -1.16
CA ILE A 198 -4.36 0.94 -1.56
C ILE A 198 -3.95 -0.36 -2.23
N GLU A 199 -4.81 -1.41 -2.20
CA GLU A 199 -4.66 -2.62 -3.00
C GLU A 199 -4.74 -2.33 -4.49
N ARG A 200 -5.66 -1.41 -4.84
CA ARG A 200 -5.86 -0.75 -6.12
C ARG A 200 -4.60 -0.58 -6.99
N PRO A 201 -4.47 -1.20 -8.18
CA PRO A 201 -3.29 -1.09 -9.03
C PRO A 201 -2.93 0.32 -9.45
N ASN A 202 -3.91 1.18 -9.76
CA ASN A 202 -3.63 2.52 -10.24
C ASN A 202 -3.57 3.55 -9.10
N ALA A 203 -3.66 3.13 -7.82
CA ALA A 203 -3.58 4.03 -6.71
C ALA A 203 -2.15 4.28 -6.23
N ILE A 204 -1.75 5.56 -6.15
CA ILE A 204 -0.49 5.98 -5.57
C ILE A 204 -0.69 6.14 -4.07
N ILE A 205 0.21 5.59 -3.26
CA ILE A 205 0.12 5.65 -1.81
C ILE A 205 0.97 6.81 -1.31
N LEU A 206 0.38 7.74 -0.54
CA LEU A 206 1.10 8.82 0.10
C LEU A 206 1.24 8.47 1.56
N ALA A 207 2.47 8.15 2.00
CA ALA A 207 2.71 7.63 3.33
C ALA A 207 3.28 8.73 4.23
N VAL A 208 2.48 9.18 5.21
CA VAL A 208 2.79 10.37 6.00
C VAL A 208 3.28 9.99 7.37
N HIS A 209 4.58 10.24 7.65
CA HIS A 209 5.28 9.77 8.83
C HIS A 209 5.91 10.93 9.61
N PRO A 210 5.83 11.03 10.93
CA PRO A 210 6.55 12.06 11.66
C PRO A 210 8.02 11.71 11.90
N ALA A 211 8.93 12.69 11.75
CA ALA A 211 10.36 12.53 12.00
C ALA A 211 10.70 12.33 13.47
N THR A 212 9.73 12.65 14.34
CA THR A 212 9.69 12.40 15.78
C THR A 212 9.87 10.93 16.13
N MET A 213 9.40 10.04 15.25
CA MET A 213 9.44 8.61 15.48
C MET A 213 10.33 7.94 14.46
N ASP A 214 10.57 6.63 14.68
CA ASP A 214 11.08 5.67 13.72
C ASP A 214 10.17 5.58 12.48
N LEU A 215 10.78 5.48 11.29
CA LEU A 215 10.08 5.40 10.02
C LEU A 215 10.17 4.00 9.43
N ALA A 216 11.12 3.16 9.89
CA ALA A 216 11.28 1.78 9.47
C ALA A 216 10.16 0.89 10.00
N THR A 217 9.75 1.13 11.28
CA THR A 217 8.67 0.41 11.96
C THR A 217 7.33 1.12 11.87
N SER A 218 7.24 2.20 11.07
CA SER A 218 6.01 2.96 10.84
C SER A 218 4.83 2.14 10.33
N ASP A 219 3.65 2.29 10.98
CA ASP A 219 2.41 1.60 10.66
C ASP A 219 1.95 1.86 9.24
N ALA A 220 2.06 3.13 8.83
CA ALA A 220 1.74 3.62 7.50
C ALA A 220 2.67 3.06 6.45
N LEU A 221 3.99 2.95 6.74
CA LEU A 221 4.93 2.27 5.86
C LEU A 221 4.67 0.78 5.77
N GLN A 222 4.40 0.11 6.91
CA GLN A 222 4.11 -1.31 6.94
C GLN A 222 2.82 -1.71 6.24
N ILE A 223 1.71 -0.96 6.39
CA ILE A 223 0.51 -1.18 5.60
C ILE A 223 0.69 -0.86 4.12
N ALA A 224 1.53 0.15 3.76
CA ALA A 224 1.94 0.36 2.39
C ALA A 224 2.71 -0.82 1.81
N ARG A 225 3.65 -1.41 2.58
CA ARG A 225 4.33 -2.65 2.24
C ARG A 225 3.39 -3.83 2.01
N GLN A 226 2.27 -3.90 2.75
CA GLN A 226 1.26 -4.92 2.57
C GLN A 226 0.55 -4.91 1.20
N ALA A 227 0.55 -3.76 0.48
CA ALA A 227 0.05 -3.72 -0.88
C ALA A 227 1.15 -3.43 -1.92
N ASP A 228 2.34 -2.99 -1.49
CA ASP A 228 3.42 -2.58 -2.35
C ASP A 228 4.74 -2.92 -1.66
N PRO A 229 5.23 -4.18 -1.67
CA PRO A 229 6.37 -4.59 -0.83
C PRO A 229 7.67 -3.90 -1.16
N GLU A 230 7.92 -3.65 -2.45
CA GLU A 230 8.82 -2.60 -2.86
C GLU A 230 7.96 -1.37 -2.99
N GLY A 231 8.39 -0.19 -2.48
CA GLY A 231 7.52 0.99 -2.49
C GLY A 231 7.48 1.69 -3.81
N ARG A 232 6.99 0.99 -4.84
CA ARG A 232 6.95 1.36 -6.22
C ARG A 232 6.04 2.51 -6.58
N ARG A 233 4.81 2.47 -6.05
CA ARG A 233 3.80 3.48 -6.29
C ARG A 233 3.51 4.17 -4.98
N THR A 234 4.50 4.13 -4.07
CA THR A 234 4.40 4.66 -2.72
C THR A 234 5.40 5.79 -2.53
N LEU A 235 4.91 6.96 -2.08
CA LEU A 235 5.66 8.20 -1.89
C LEU A 235 5.69 8.55 -0.41
N GLY A 236 6.87 8.92 0.13
CA GLY A 236 7.02 9.22 1.55
C GLY A 236 6.96 10.69 1.85
N VAL A 237 6.21 11.07 2.90
CA VAL A 237 6.15 12.43 3.40
C VAL A 237 6.60 12.42 4.85
N ILE A 238 7.65 13.21 5.16
CA ILE A 238 8.21 13.30 6.50
C ILE A 238 7.75 14.61 7.12
N THR A 239 6.94 14.53 8.20
CA THR A 239 6.47 15.70 8.93
C THR A 239 7.37 15.96 10.14
N LYS A 240 7.32 17.19 10.69
CA LYS A 240 7.96 17.53 11.97
C LYS A 240 9.49 17.48 11.94
N LEU A 241 10.10 18.12 10.93
CA LEU A 241 11.54 18.15 10.74
C LEU A 241 12.27 19.06 11.72
N ASP A 242 11.52 19.90 12.45
CA ASP A 242 11.92 20.68 13.59
C ASP A 242 12.13 19.82 14.82
N LEU A 243 11.53 18.62 14.85
CA LEU A 243 11.70 17.62 15.90
C LEU A 243 12.60 16.47 15.43
N MET A 244 13.40 16.68 14.37
CA MET A 244 14.37 15.70 13.91
C MET A 244 15.73 15.94 14.55
N ASP A 245 16.37 14.85 15.00
CA ASP A 245 17.73 14.80 15.49
C ASP A 245 18.44 13.71 14.70
N LYS A 246 19.72 13.45 15.01
CA LYS A 246 20.54 12.39 14.48
C LYS A 246 19.98 10.99 14.74
N GLY A 247 19.30 10.80 15.90
CA GLY A 247 18.77 9.50 16.33
C GLY A 247 17.50 9.01 15.66
N THR A 248 17.33 9.22 14.34
CA THR A 248 16.18 8.70 13.60
C THR A 248 16.55 8.42 12.16
N ASP A 249 15.95 7.35 11.59
CA ASP A 249 15.98 6.91 10.21
C ASP A 249 15.66 8.00 9.20
N ALA A 250 14.76 8.92 9.59
CA ALA A 250 14.21 9.95 8.74
C ALA A 250 15.24 10.84 8.06
N MET A 251 16.34 11.19 8.74
CA MET A 251 17.43 11.96 8.16
C MET A 251 18.16 11.25 7.02
N GLU A 252 18.48 9.95 7.18
CA GLU A 252 19.12 9.14 6.17
C GLU A 252 18.23 8.86 4.96
N MET A 253 16.93 8.61 5.19
CA MET A 253 15.93 8.49 4.13
C MET A 253 15.74 9.79 3.34
N LEU A 254 15.66 10.94 4.04
CA LEU A 254 15.51 12.26 3.44
C LEU A 254 16.68 12.67 2.56
N THR A 255 17.91 12.23 2.90
CA THR A 255 19.11 12.55 2.13
C THR A 255 19.41 11.51 1.07
N GLY A 256 18.48 10.55 0.85
CA GLY A 256 18.50 9.64 -0.30
C GLY A 256 19.45 8.49 -0.20
N LYS A 257 20.16 8.36 0.93
CA LYS A 257 21.15 7.33 1.13
C LYS A 257 20.53 5.99 1.48
N VAL A 258 19.32 6.01 2.06
CA VAL A 258 18.56 4.82 2.39
C VAL A 258 17.23 4.92 1.68
N ILE A 259 16.90 3.96 0.79
CA ILE A 259 15.69 4.03 -0.01
C ILE A 259 14.75 2.88 0.33
N PRO A 260 13.66 3.11 1.07
CA PRO A 260 12.59 2.12 1.18
C PRO A 260 11.55 2.33 0.09
N LEU A 261 11.36 3.59 -0.37
CA LEU A 261 10.28 3.98 -1.26
C LEU A 261 10.83 4.55 -2.55
N LYS A 262 10.28 4.13 -3.70
CA LYS A 262 10.86 4.39 -5.02
C LYS A 262 10.30 5.64 -5.67
N LEU A 263 9.27 6.29 -5.09
CA LEU A 263 8.83 7.59 -5.57
C LEU A 263 9.48 8.71 -4.77
N GLY A 264 10.38 8.38 -3.82
CA GLY A 264 11.15 9.37 -3.10
C GLY A 264 10.55 9.84 -1.80
N TYR A 265 11.18 10.88 -1.21
CA TYR A 265 10.85 11.42 0.09
C TYR A 265 10.76 12.92 -0.01
N ILE A 266 9.67 13.51 0.50
CA ILE A 266 9.53 14.95 0.64
C ILE A 266 9.36 15.25 2.11
N GLY A 267 10.08 16.25 2.65
CA GLY A 267 9.93 16.66 4.04
C GLY A 267 9.21 17.97 4.19
N VAL A 268 8.40 18.12 5.25
CA VAL A 268 7.62 19.32 5.53
C VAL A 268 7.59 19.66 7.01
N ILE A 269 7.31 20.94 7.34
CA ILE A 269 7.03 21.41 8.69
C ILE A 269 5.62 21.96 8.67
N CYS A 270 4.79 21.60 9.66
CA CYS A 270 3.37 21.88 9.61
C CYS A 270 2.89 22.34 10.97
N ARG A 271 1.69 22.95 11.03
CA ARG A 271 1.16 23.49 12.28
C ARG A 271 0.90 22.41 13.34
N GLY A 272 1.64 22.48 14.44
CA GLY A 272 1.50 21.54 15.52
C GLY A 272 0.27 21.81 16.37
N PRO A 273 0.18 21.14 17.52
CA PRO A 273 -0.95 21.31 18.43
C PRO A 273 -0.99 22.71 19.02
N ALA A 274 0.05 23.06 19.79
CA ALA A 274 0.12 24.37 20.41
C ALA A 274 -0.01 25.49 19.38
N ASP A 275 0.60 25.29 18.21
CA ASP A 275 0.55 26.27 17.14
C ASP A 275 -0.87 26.46 16.63
N LEU A 276 -1.54 25.35 16.30
CA LEU A 276 -2.90 25.40 15.79
C LEU A 276 -3.89 25.73 16.91
N ARG A 277 -3.37 25.90 18.12
CA ARG A 277 -4.21 26.22 19.26
C ARG A 277 -4.09 27.70 19.62
N ALA A 278 -3.68 28.51 18.66
CA ALA A 278 -3.53 29.94 18.86
C ALA A 278 -3.79 30.74 17.60
N GLY A 279 -4.32 30.08 16.54
CA GLY A 279 -4.76 30.77 15.33
C GLY A 279 -3.68 31.07 14.32
N LYS A 280 -2.48 30.48 14.47
CA LYS A 280 -1.38 30.68 13.54
C LYS A 280 -1.72 30.37 12.08
N SER A 281 -1.65 31.38 11.20
CA SER A 281 -2.00 31.26 9.78
C SER A 281 -1.18 30.22 9.03
N ILE A 282 -1.80 29.50 8.07
CA ILE A 282 -1.14 28.55 7.19
C ILE A 282 -0.16 29.23 6.26
N GLN A 283 -0.50 30.43 5.76
CA GLN A 283 0.41 31.23 4.96
C GLN A 283 1.67 31.58 5.73
N GLN A 284 1.51 32.05 6.98
CA GLN A 284 2.60 32.31 7.90
C GLN A 284 3.40 31.07 8.25
N ALA A 285 2.73 29.92 8.48
CA ALA A 285 3.37 28.64 8.72
C ALA A 285 4.23 28.13 7.56
N ARG A 286 3.80 28.30 6.30
CA ARG A 286 4.65 28.02 5.14
C ARG A 286 5.83 28.98 5.02
N GLU A 287 5.64 30.29 5.32
CA GLU A 287 6.73 31.25 5.42
C GLU A 287 7.74 30.91 6.53
N ASP A 288 7.26 30.44 7.70
CA ASP A 288 8.07 29.83 8.74
C ASP A 288 8.84 28.61 8.24
N GLU A 289 8.18 27.68 7.51
CA GLU A 289 8.76 26.49 6.95
C GLU A 289 9.93 26.77 5.99
N ILE A 290 9.75 27.74 5.07
CA ILE A 290 10.82 28.22 4.18
C ILE A 290 11.97 28.84 4.95
N ARG A 291 11.65 29.68 5.96
CA ARG A 291 12.64 30.32 6.81
C ARG A 291 13.47 29.33 7.62
N PHE A 292 12.82 28.30 8.23
CA PHE A 292 13.50 27.26 8.97
C PHE A 292 14.44 26.42 8.13
N PHE A 293 14.04 25.99 6.92
CA PHE A 293 14.95 25.27 6.02
C PHE A 293 16.13 26.11 5.56
N ARG A 294 15.90 27.42 5.30
CA ARG A 294 16.94 28.34 4.91
C ARG A 294 18.03 28.57 5.95
N SER A 295 17.68 28.67 7.24
CA SER A 295 18.64 29.00 8.30
C SER A 295 19.13 27.80 9.10
N HIS A 296 18.53 26.61 8.95
CA HIS A 296 19.01 25.41 9.60
C HIS A 296 20.41 24.97 9.12
N PRO A 297 21.37 24.61 9.99
CA PRO A 297 22.73 24.30 9.57
C PRO A 297 22.88 23.18 8.56
N VAL A 298 22.00 22.16 8.56
CA VAL A 298 22.12 21.06 7.62
C VAL A 298 21.00 21.04 6.58
N TYR A 299 19.89 21.79 6.76
CA TYR A 299 18.81 21.76 5.78
C TYR A 299 18.95 22.82 4.69
N ARG A 300 19.95 23.73 4.78
CA ARG A 300 20.20 24.73 3.76
C ARG A 300 20.47 24.14 2.38
N ARG A 301 21.14 22.97 2.33
CA ARG A 301 21.37 22.23 1.10
C ARG A 301 20.14 21.45 0.61
N LEU A 302 19.13 21.26 1.48
CA LEU A 302 17.99 20.40 1.16
C LEU A 302 16.73 21.20 0.86
N LEU A 303 16.72 22.53 1.09
CA LEU A 303 15.59 23.41 0.80
C LEU A 303 14.97 23.26 -0.60
N PRO A 304 15.65 23.20 -1.75
CA PRO A 304 14.99 23.04 -3.05
C PRO A 304 14.34 21.68 -3.26
N GLN A 305 14.44 20.73 -2.34
CA GLN A 305 13.75 19.45 -2.43
C GLN A 305 12.66 19.31 -1.38
N LEU A 306 12.42 20.34 -0.56
CA LEU A 306 11.60 20.22 0.63
C LEU A 306 10.56 21.33 0.73
N GLY A 307 9.59 21.16 1.64
CA GLY A 307 8.57 22.14 1.95
C GLY A 307 7.27 21.93 1.24
N THR A 308 6.19 22.52 1.79
CA THR A 308 4.82 22.38 1.31
C THR A 308 4.66 22.82 -0.13
N ASN A 309 5.32 23.95 -0.49
CA ASN A 309 5.33 24.49 -1.83
C ASN A 309 5.92 23.53 -2.86
N THR A 310 7.04 22.87 -2.49
CA THR A 310 7.69 21.82 -3.27
C THR A 310 6.85 20.56 -3.34
N LEU A 311 6.25 20.14 -2.20
CA LEU A 311 5.37 18.99 -2.11
C LEU A 311 4.16 19.10 -3.01
N ALA A 312 3.49 20.27 -3.07
CA ALA A 312 2.39 20.55 -3.96
C ALA A 312 2.75 20.40 -5.44
N ARG A 313 3.92 20.95 -5.85
CA ARG A 313 4.46 20.79 -7.20
C ARG A 313 4.77 19.33 -7.55
N THR A 314 5.41 18.59 -6.62
CA THR A 314 5.73 17.17 -6.76
C THR A 314 4.49 16.31 -6.89
N LEU A 315 3.47 16.50 -6.03
CA LEU A 315 2.23 15.75 -6.10
C LEU A 315 1.45 15.98 -7.39
N SER A 316 1.34 17.24 -7.84
CA SER A 316 0.71 17.58 -9.12
C SER A 316 1.43 16.98 -10.32
N THR A 317 2.78 17.08 -10.33
CA THR A 317 3.63 16.54 -11.39
C THR A 317 3.55 15.04 -11.51
N LEU A 318 3.61 14.30 -10.38
CA LEU A 318 3.47 12.86 -10.36
C LEU A 318 2.08 12.39 -10.76
N LEU A 319 1.01 13.04 -10.24
CA LEU A 319 -0.36 12.69 -10.57
C LEU A 319 -0.70 12.88 -12.04
N MET A 320 -0.31 14.03 -12.65
CA MET A 320 -0.59 14.31 -14.05
C MET A 320 0.03 13.33 -15.03
N LYS A 321 1.30 12.94 -14.80
CA LYS A 321 1.97 11.92 -15.60
C LYS A 321 1.36 10.53 -15.42
N HIS A 322 1.08 10.14 -14.16
CA HIS A 322 0.48 8.86 -13.83
C HIS A 322 -0.90 8.65 -14.47
N ILE A 323 -1.75 9.69 -14.46
CA ILE A 323 -3.02 9.68 -15.19
C ILE A 323 -2.83 9.49 -16.69
N ARG A 324 -1.87 10.20 -17.33
CA ARG A 324 -1.68 10.09 -18.77
C ARG A 324 -1.29 8.69 -19.24
N ASP A 325 -0.31 8.06 -18.58
CA ASP A 325 0.18 6.74 -18.94
C ASP A 325 -0.79 5.61 -18.61
N THR A 326 -1.62 5.75 -17.55
CA THR A 326 -2.64 4.76 -17.22
C THR A 326 -3.94 4.94 -17.99
N LEU A 327 -4.20 6.12 -18.60
CA LEU A 327 -5.44 6.40 -19.32
C LEU A 327 -5.79 5.49 -20.51
N PRO A 328 -4.91 5.03 -21.41
CA PRO A 328 -5.27 4.06 -22.45
C PRO A 328 -5.92 2.79 -21.95
N SER A 329 -5.37 2.16 -20.89
CA SER A 329 -5.91 0.95 -20.30
C SER A 329 -7.22 1.16 -19.57
N ILE A 330 -7.38 2.31 -18.87
CA ILE A 330 -8.63 2.72 -18.24
C ILE A 330 -9.78 2.85 -19.24
N ARG A 331 -9.54 3.47 -20.41
CA ARG A 331 -10.52 3.57 -21.48
C ARG A 331 -10.98 2.22 -22.04
N GLN A 332 -10.03 1.27 -22.21
CA GLN A 332 -10.34 -0.10 -22.60
C GLN A 332 -11.17 -0.82 -21.54
N LYS A 333 -10.76 -0.72 -20.27
CA LYS A 333 -11.40 -1.36 -19.13
C LYS A 333 -12.84 -0.91 -18.88
N MET A 334 -13.12 0.40 -18.97
CA MET A 334 -14.46 0.94 -18.85
C MET A 334 -15.41 0.43 -19.93
N SER A 335 -14.94 0.36 -21.19
CA SER A 335 -15.70 -0.21 -22.31
C SER A 335 -16.03 -1.68 -22.11
N GLN A 336 -15.07 -2.48 -21.64
CA GLN A 336 -15.26 -3.90 -21.34
C GLN A 336 -16.29 -4.13 -20.23
N GLN A 337 -16.18 -3.41 -19.10
CA GLN A 337 -17.15 -3.48 -18.02
C GLN A 337 -18.55 -3.04 -18.45
N LEU A 338 -18.65 -1.98 -19.27
CA LEU A 338 -19.91 -1.48 -19.80
C LEU A 338 -20.63 -2.48 -20.68
N ALA A 339 -19.91 -3.18 -21.58
CA ALA A 339 -20.49 -4.22 -22.41
C ALA A 339 -21.05 -5.40 -21.62
N GLU A 340 -20.26 -5.93 -20.66
CA GLU A 340 -20.66 -7.05 -19.84
C GLU A 340 -21.72 -6.74 -18.79
N TRP A 341 -21.68 -5.57 -18.13
CA TRP A 341 -22.73 -5.16 -17.21
C TRP A 341 -24.07 -4.89 -17.91
N ARG A 342 -24.06 -4.43 -19.18
CA ARG A 342 -25.27 -4.42 -20.00
C ARG A 342 -25.87 -5.79 -20.23
N LYS A 343 -25.03 -6.84 -20.46
CA LYS A 343 -25.50 -8.22 -20.57
C LYS A 343 -26.16 -8.72 -19.30
N GLU A 344 -25.59 -8.40 -18.11
CA GLU A 344 -26.21 -8.71 -16.83
C GLU A 344 -27.57 -8.05 -16.65
N LEU A 345 -27.71 -6.77 -17.05
CA LEU A 345 -28.98 -6.07 -17.07
C LEU A 345 -30.03 -6.67 -18.02
N GLN A 346 -29.60 -7.19 -19.20
CA GLN A 346 -30.42 -7.99 -20.11
C GLN A 346 -30.85 -9.33 -19.52
N THR A 347 -29.94 -10.07 -18.86
CA THR A 347 -30.15 -11.36 -18.21
C THR A 347 -31.23 -11.27 -17.15
N LEU A 348 -31.24 -10.19 -16.37
CA LEU A 348 -32.27 -9.90 -15.38
C LEU A 348 -33.58 -9.45 -16.00
N GLY A 349 -34.25 -10.34 -16.77
CA GLY A 349 -35.49 -10.04 -17.46
C GLY A 349 -35.74 -11.07 -18.52
N ASP A 357 -27.84 -21.71 -16.56
CA ASP A 357 -28.36 -22.30 -15.33
C ASP A 357 -27.58 -21.71 -14.15
N LEU A 358 -28.14 -21.83 -12.93
CA LEU A 358 -27.54 -21.53 -11.65
C LEU A 358 -26.28 -22.34 -11.38
N GLY A 359 -26.30 -23.67 -11.67
CA GLY A 359 -25.16 -24.54 -11.45
C GLY A 359 -24.05 -24.28 -12.42
N GLY A 360 -24.41 -24.02 -13.70
CA GLY A 360 -23.47 -23.63 -14.75
C GLY A 360 -22.84 -22.28 -14.52
N ALA A 361 -23.59 -21.33 -13.92
CA ALA A 361 -23.08 -20.04 -13.52
C ALA A 361 -22.00 -20.13 -12.45
N LEU A 362 -22.19 -20.93 -11.38
CA LEU A 362 -21.13 -21.14 -10.38
C LEU A 362 -19.88 -21.77 -10.98
N LEU A 363 -20.03 -22.83 -11.78
CA LEU A 363 -18.89 -23.50 -12.41
C LEU A 363 -18.10 -22.61 -13.35
N ASN A 364 -18.77 -21.86 -14.26
CA ASN A 364 -18.08 -20.95 -15.16
C ASN A 364 -17.43 -19.76 -14.47
N VAL A 365 -18.13 -19.09 -13.53
CA VAL A 365 -17.61 -17.91 -12.85
C VAL A 365 -16.42 -18.22 -11.96
N ILE A 366 -16.49 -19.30 -11.15
CA ILE A 366 -15.41 -19.70 -10.26
C ILE A 366 -14.19 -20.20 -11.03
N ASN A 367 -14.39 -21.01 -12.10
CA ASN A 367 -13.30 -21.50 -12.93
C ASN A 367 -12.52 -20.40 -13.66
N ARG A 368 -13.20 -19.34 -14.14
CA ARG A 368 -12.52 -18.18 -14.70
C ARG A 368 -11.63 -17.46 -13.70
N TYR A 369 -12.11 -17.23 -12.46
CA TYR A 369 -11.32 -16.61 -11.40
C TYR A 369 -10.05 -17.40 -11.07
N SER A 370 -10.13 -18.74 -11.07
CA SER A 370 -8.98 -19.62 -10.95
C SER A 370 -7.95 -19.46 -12.07
N SER A 371 -8.38 -19.35 -13.34
CA SER A 371 -7.47 -19.07 -14.45
C SER A 371 -6.89 -17.65 -14.44
N GLU A 372 -7.69 -16.63 -14.06
CA GLU A 372 -7.27 -15.26 -13.82
C GLU A 372 -6.18 -15.17 -12.74
N PHE A 373 -6.36 -15.89 -11.62
CA PHE A 373 -5.35 -16.03 -10.57
C PHE A 373 -4.06 -16.73 -11.03
N ALA A 374 -4.15 -17.89 -11.72
CA ALA A 374 -2.98 -18.65 -12.10
C ALA A 374 -2.02 -17.91 -13.03
N LYS A 375 -2.60 -17.31 -14.09
CA LYS A 375 -1.93 -16.55 -15.14
C LYS A 375 -1.22 -15.32 -14.62
N SER A 376 -1.88 -14.54 -13.73
CA SER A 376 -1.31 -13.33 -13.15
C SER A 376 -0.10 -13.63 -12.29
N LEU A 377 -0.15 -14.75 -11.55
CA LEU A 377 0.93 -15.21 -10.73
C LEU A 377 2.09 -15.84 -11.52
N GLU A 378 1.89 -16.28 -12.78
CA GLU A 378 2.95 -16.82 -13.63
C GLU A 378 3.96 -15.81 -14.14
N GLY A 379 3.51 -14.62 -14.57
CA GLY A 379 4.43 -13.65 -15.19
C GLY A 379 4.54 -13.82 -16.68
N LEU A 390 0.15 -4.56 -12.78
CA LEU A 390 -0.96 -5.49 -12.67
C LEU A 390 -0.64 -6.83 -12.01
N TYR A 391 0.52 -7.43 -12.32
CA TYR A 391 0.93 -8.70 -11.77
C TYR A 391 1.71 -8.48 -10.45
N GLY A 392 2.07 -9.51 -9.65
CA GLY A 392 2.01 -10.95 -9.89
C GLY A 392 3.39 -11.38 -10.30
N GLY A 393 3.53 -12.40 -11.18
CA GLY A 393 4.81 -13.08 -11.47
C GLY A 393 6.06 -12.26 -11.64
N ALA A 394 6.05 -11.18 -12.44
CA ALA A 394 7.19 -10.28 -12.55
C ALA A 394 7.55 -9.56 -11.25
N ARG A 395 6.55 -9.11 -10.47
CA ARG A 395 6.75 -8.55 -9.16
C ARG A 395 7.22 -9.58 -8.13
N ILE A 396 6.71 -10.83 -8.18
CA ILE A 396 7.18 -11.94 -7.35
C ILE A 396 8.67 -12.21 -7.61
N ASN A 397 9.10 -12.20 -8.90
CA ASN A 397 10.51 -12.21 -9.26
C ASN A 397 11.28 -10.99 -8.79
N TYR A 398 10.70 -9.78 -8.84
CA TYR A 398 11.27 -8.55 -8.30
C TYR A 398 11.47 -8.62 -6.77
N ILE A 399 10.50 -9.10 -5.97
CA ILE A 399 10.67 -9.19 -4.52
C ILE A 399 11.81 -10.14 -4.13
N PHE A 400 11.92 -11.29 -4.82
CA PHE A 400 13.05 -12.19 -4.68
C PHE A 400 14.40 -11.60 -5.11
N ASN A 401 14.48 -10.97 -6.30
CA ASN A 401 15.78 -10.65 -6.87
C ASN A 401 16.20 -9.19 -6.76
N ASP A 402 15.27 -8.26 -6.52
CA ASP A 402 15.55 -6.84 -6.51
C ASP A 402 15.33 -6.22 -5.11
N ILE A 403 14.86 -7.03 -4.13
CA ILE A 403 14.66 -6.58 -2.75
C ILE A 403 15.31 -7.57 -1.79
N TYR A 404 14.86 -8.85 -1.71
CA TYR A 404 15.43 -9.85 -0.82
C TYR A 404 16.92 -10.08 -1.05
N ALA A 405 17.35 -10.12 -2.33
CA ALA A 405 18.75 -10.14 -2.68
C ALA A 405 19.52 -8.91 -2.18
N LYS A 406 18.98 -7.68 -2.32
CA LYS A 406 19.61 -6.48 -1.81
C LYS A 406 19.70 -6.42 -0.30
N GLU A 407 18.65 -6.86 0.43
CA GLU A 407 18.71 -6.98 1.88
C GLU A 407 19.80 -7.95 2.31
N LEU A 408 19.84 -9.17 1.73
CA LEU A 408 20.89 -10.13 2.04
C LEU A 408 22.30 -9.73 1.61
N GLN A 409 22.47 -9.07 0.46
CA GLN A 409 23.76 -8.59 -0.01
C GLN A 409 24.31 -7.41 0.80
N SER A 410 23.45 -6.72 1.59
CA SER A 410 23.89 -5.62 2.45
C SER A 410 23.97 -5.99 3.92
N MET A 411 23.57 -7.23 4.30
CA MET A 411 23.91 -7.81 5.60
C MET A 411 25.38 -8.22 5.61
N ASN A 412 26.20 -7.67 6.52
CA ASN A 412 27.64 -7.82 6.45
C ASN A 412 28.16 -9.05 7.20
N ALA A 413 29.22 -9.68 6.66
CA ALA A 413 30.12 -10.49 7.47
C ALA A 413 30.85 -9.63 8.49
N PHE A 414 30.92 -10.07 9.77
CA PHE A 414 31.56 -9.35 10.87
C PHE A 414 30.61 -8.25 11.39
N GLU A 415 29.29 -8.39 11.11
CA GLU A 415 28.30 -7.45 11.60
C GLU A 415 27.93 -7.71 13.05
N GLY A 416 28.19 -6.72 13.92
CA GLY A 416 27.95 -6.80 15.36
C GLY A 416 29.09 -7.40 16.13
N LEU A 417 29.70 -8.49 15.60
CA LEU A 417 30.87 -9.13 16.17
C LEU A 417 32.10 -8.25 16.17
N THR A 418 32.67 -7.94 17.35
CA THR A 418 33.89 -7.16 17.44
C THR A 418 35.13 -8.05 17.45
N ARG A 419 36.33 -7.44 17.47
CA ARG A 419 37.57 -8.15 17.73
C ARG A 419 37.59 -8.79 19.12
N GLU A 420 36.98 -8.13 20.12
CA GLU A 420 36.80 -8.60 21.48
C GLU A 420 35.91 -9.83 21.57
N ASP A 421 34.81 -9.92 20.77
CA ASP A 421 33.99 -11.11 20.66
C ASP A 421 34.77 -12.33 20.18
N ILE A 422 35.63 -12.17 19.14
CA ILE A 422 36.46 -13.25 18.64
C ILE A 422 37.48 -13.72 19.68
N ARG A 423 38.17 -12.79 20.38
CA ARG A 423 39.07 -13.11 21.49
C ARG A 423 38.33 -13.79 22.67
N THR A 424 37.10 -13.35 22.96
CA THR A 424 36.19 -13.96 23.95
C THR A 424 35.82 -15.39 23.60
N ALA A 425 35.51 -15.66 22.32
CA ALA A 425 35.29 -17.00 21.80
C ALA A 425 36.53 -17.90 21.88
N ILE A 426 37.73 -17.37 21.56
CA ILE A 426 39.01 -18.06 21.68
C ILE A 426 39.32 -18.50 23.11
N ARG A 427 39.10 -17.61 24.10
CA ARG A 427 39.27 -18.00 25.49
C ARG A 427 38.28 -19.05 25.96
N ASN A 428 37.00 -18.97 25.55
CA ASN A 428 36.03 -20.01 25.87
C ASN A 428 36.34 -21.35 25.17
N VAL A 438 42.77 -25.35 19.34
CA VAL A 438 42.23 -25.45 17.98
C VAL A 438 41.42 -24.19 17.60
N PRO A 439 41.75 -23.41 16.56
CA PRO A 439 40.98 -22.23 16.16
C PRO A 439 39.59 -22.53 15.66
N GLU A 440 39.37 -23.72 15.09
CA GLU A 440 38.14 -24.15 14.45
C GLU A 440 36.94 -24.15 15.38
N LEU A 441 37.13 -24.58 16.66
CA LEU A 441 36.12 -24.52 17.69
C LEU A 441 35.62 -23.10 17.99
N ALA A 442 36.53 -22.10 18.02
CA ALA A 442 36.16 -20.70 18.12
C ALA A 442 35.38 -20.22 16.90
N PHE A 443 35.83 -20.62 15.68
CA PHE A 443 35.18 -20.36 14.42
C PHE A 443 33.74 -20.89 14.35
N GLU A 444 33.47 -22.14 14.77
CA GLU A 444 32.14 -22.72 14.77
C GLU A 444 31.14 -21.93 15.59
N LEU A 445 31.54 -21.53 16.83
CA LEU A 445 30.73 -20.72 17.72
C LEU A 445 30.41 -19.33 17.17
N LEU A 446 31.40 -18.66 16.57
CA LEU A 446 31.23 -17.37 15.93
C LEU A 446 30.39 -17.41 14.65
N VAL A 447 30.63 -18.40 13.75
CA VAL A 447 29.85 -18.59 12.53
C VAL A 447 28.40 -18.90 12.83
N LYS A 448 28.14 -19.76 13.84
CA LYS A 448 26.80 -20.15 14.23
C LYS A 448 25.92 -18.98 14.67
N LYS A 449 26.50 -18.04 15.44
CA LYS A 449 25.85 -16.77 15.77
C LYS A 449 25.65 -15.85 14.57
N GLN A 450 26.64 -15.76 13.67
CA GLN A 450 26.58 -14.94 12.46
C GLN A 450 25.49 -15.37 11.47
N ILE A 451 25.31 -16.69 11.25
CA ILE A 451 24.28 -17.29 10.38
C ILE A 451 22.86 -16.96 10.80
N THR A 452 22.58 -16.90 12.13
CA THR A 452 21.28 -16.57 12.73
C THR A 452 20.67 -15.28 12.23
N HIS A 453 21.50 -14.29 11.87
CA HIS A 453 21.05 -13.02 11.33
C HIS A 453 20.38 -13.09 9.96
N PHE A 454 20.45 -14.23 9.25
CA PHE A 454 19.69 -14.43 8.02
C PHE A 454 18.26 -14.91 8.25
N VAL A 455 17.86 -15.35 9.47
CA VAL A 455 16.46 -15.72 9.72
C VAL A 455 15.47 -14.56 9.54
N PRO A 456 15.66 -13.31 10.01
CA PRO A 456 14.66 -12.28 9.81
C PRO A 456 14.45 -11.82 8.37
N PRO A 457 15.39 -11.56 7.45
CA PRO A 457 15.06 -11.26 6.06
C PRO A 457 14.40 -12.43 5.35
N ALA A 458 14.82 -13.68 5.68
CA ALA A 458 14.21 -14.88 5.16
C ALA A 458 12.75 -15.03 5.55
N TYR A 459 12.40 -14.71 6.82
CA TYR A 459 11.03 -14.58 7.28
C TYR A 459 10.28 -13.49 6.51
N SER A 460 10.89 -12.29 6.37
CA SER A 460 10.27 -11.14 5.70
C SER A 460 9.89 -11.43 4.27
N CYS A 461 10.77 -12.15 3.54
CA CYS A 461 10.55 -12.57 2.18
C CYS A 461 9.27 -13.37 1.96
N VAL A 462 8.91 -14.27 2.91
CA VAL A 462 7.66 -15.02 2.87
C VAL A 462 6.43 -14.11 2.97
N ASP A 463 6.44 -13.17 3.95
CA ASP A 463 5.36 -12.23 4.15
C ASP A 463 5.22 -11.21 3.02
N LEU A 464 6.33 -10.67 2.48
CA LEU A 464 6.28 -9.79 1.32
C LEU A 464 5.64 -10.46 0.09
N VAL A 465 5.93 -11.75 -0.16
CA VAL A 465 5.20 -12.55 -1.14
C VAL A 465 3.72 -12.75 -0.80
N TYR A 466 3.36 -13.04 0.47
CA TYR A 466 1.96 -13.15 0.91
C TYR A 466 1.18 -11.86 0.65
N ASP A 467 1.77 -10.70 0.97
CA ASP A 467 1.26 -9.36 0.74
C ASP A 467 0.98 -9.12 -0.75
N GLU A 468 1.89 -9.54 -1.64
CA GLU A 468 1.62 -9.58 -3.07
C GLU A 468 0.52 -10.52 -3.51
N LEU A 469 0.49 -11.76 -3.00
CA LEU A 469 -0.50 -12.76 -3.36
C LEU A 469 -1.93 -12.41 -2.98
N VAL A 470 -2.16 -11.84 -1.77
CA VAL A 470 -3.49 -11.42 -1.35
C VAL A 470 -4.05 -10.29 -2.22
N ARG A 471 -3.18 -9.33 -2.59
CA ARG A 471 -3.49 -8.27 -3.53
C ARG A 471 -3.84 -8.73 -4.94
N LEU A 472 -3.28 -9.87 -5.42
CA LEU A 472 -3.64 -10.41 -6.72
C LEU A 472 -5.12 -10.73 -6.85
N ALA A 473 -5.77 -11.16 -5.75
CA ALA A 473 -7.20 -11.27 -5.69
C ALA A 473 -7.89 -9.93 -5.93
N LEU A 474 -7.47 -8.84 -5.25
CA LEU A 474 -8.00 -7.50 -5.46
C LEU A 474 -7.74 -6.93 -6.86
N ASN A 475 -6.58 -7.22 -7.48
CA ASN A 475 -6.31 -6.83 -8.86
C ASN A 475 -7.33 -7.45 -9.82
N CYS A 476 -7.55 -8.78 -9.68
CA CYS A 476 -8.56 -9.53 -10.42
C CYS A 476 -9.97 -9.07 -10.12
N GLU A 477 -10.31 -8.72 -8.86
CA GLU A 477 -11.59 -8.13 -8.47
C GLU A 477 -11.94 -6.87 -9.25
N THR A 478 -10.97 -6.00 -9.58
CA THR A 478 -11.25 -4.86 -10.44
C THR A 478 -11.38 -5.21 -11.93
N GLU A 479 -10.75 -6.30 -12.41
CA GLU A 479 -10.91 -6.76 -13.78
C GLU A 479 -12.20 -7.56 -13.97
N LEU A 480 -12.67 -8.19 -12.88
CA LEU A 480 -13.88 -8.97 -12.74
C LEU A 480 -15.19 -8.25 -13.00
N LEU A 481 -16.16 -9.02 -13.49
CA LEU A 481 -17.48 -8.47 -13.81
C LEU A 481 -18.19 -7.98 -12.54
N GLN A 482 -18.46 -6.68 -12.50
CA GLN A 482 -19.14 -6.08 -11.35
C GLN A 482 -20.33 -6.92 -10.91
N ARG A 483 -20.89 -7.68 -11.85
CA ARG A 483 -22.04 -8.53 -11.56
C ARG A 483 -21.64 -9.74 -10.73
N TYR A 484 -21.43 -9.52 -9.43
CA TYR A 484 -21.03 -10.60 -8.53
C TYR A 484 -21.59 -10.37 -7.13
N GLU A 485 -22.73 -11.01 -6.84
CA GLU A 485 -23.36 -10.88 -5.53
C GLU A 485 -22.47 -11.44 -4.43
N ASN A 486 -23.09 -11.86 -3.33
CA ASN A 486 -22.36 -12.42 -2.20
C ASN A 486 -21.29 -13.41 -2.65
N LEU A 487 -21.32 -13.78 -3.92
CA LEU A 487 -20.35 -14.72 -4.47
C LEU A 487 -18.95 -14.10 -4.55
N ARG A 488 -18.91 -12.83 -4.93
CA ARG A 488 -17.64 -12.12 -5.05
C ARG A 488 -16.93 -12.02 -3.71
N SER A 489 -17.64 -11.50 -2.71
CA SER A 489 -17.08 -11.34 -1.38
C SER A 489 -16.66 -12.66 -0.74
N GLU A 490 -17.46 -13.73 -0.89
CA GLU A 490 -17.12 -15.07 -0.47
C GLU A 490 -15.90 -15.66 -1.19
N ILE A 491 -15.76 -15.44 -2.52
CA ILE A 491 -14.57 -15.82 -3.28
C ILE A 491 -13.31 -15.15 -2.75
N LEU A 492 -13.36 -13.84 -2.46
CA LEU A 492 -12.26 -13.13 -1.83
C LEU A 492 -11.92 -13.64 -0.44
N ALA A 493 -12.95 -13.91 0.40
CA ALA A 493 -12.80 -14.49 1.72
C ALA A 493 -12.15 -15.87 1.69
N CYS A 494 -12.61 -16.77 0.78
CA CYS A 494 -11.99 -18.06 0.55
C CYS A 494 -10.55 -17.94 0.08
N ALA A 495 -10.26 -17.08 -0.93
CA ALA A 495 -8.91 -16.91 -1.44
C ALA A 495 -7.92 -16.36 -0.41
N GLN A 496 -8.32 -15.35 0.38
CA GLN A 496 -7.53 -14.82 1.47
C GLN A 496 -7.29 -15.83 2.60
N ASN A 497 -8.32 -16.57 3.04
CA ASN A 497 -8.18 -17.63 4.03
C ASN A 497 -7.32 -18.79 3.55
N LEU A 498 -7.43 -19.18 2.27
CA LEU A 498 -6.54 -20.15 1.66
C LEU A 498 -5.06 -19.73 1.72
N LEU A 499 -4.71 -18.45 1.49
CA LEU A 499 -3.33 -18.01 1.70
C LEU A 499 -2.82 -18.12 3.13
N ARG A 500 -3.71 -17.94 4.13
CA ARG A 500 -3.39 -18.17 5.53
C ARG A 500 -3.00 -19.61 5.86
N GLU A 501 -3.58 -20.64 5.18
CA GLU A 501 -3.24 -22.06 5.36
C GLU A 501 -1.75 -22.35 5.18
N LEU A 502 -1.14 -21.77 4.13
CA LEU A 502 0.19 -22.13 3.70
C LEU A 502 1.25 -21.26 4.30
N LYS A 503 0.86 -20.20 5.05
CA LYS A 503 1.81 -19.37 5.76
C LYS A 503 2.58 -20.13 6.83
N GLN A 504 1.91 -20.98 7.63
CA GLN A 504 2.61 -21.76 8.66
C GLN A 504 3.60 -22.78 8.09
N PRO A 505 3.33 -23.69 7.13
CA PRO A 505 4.35 -24.60 6.61
C PRO A 505 5.49 -23.90 5.90
N CYS A 506 5.22 -22.80 5.16
CA CYS A 506 6.24 -22.07 4.45
C CYS A 506 7.25 -21.42 5.39
N LEU A 507 6.77 -20.79 6.48
CA LEU A 507 7.63 -20.22 7.50
C LEU A 507 8.48 -21.23 8.25
N GLU A 508 7.90 -22.39 8.64
CA GLU A 508 8.63 -23.47 9.28
C GLU A 508 9.75 -24.02 8.41
N MET A 509 9.49 -24.24 7.11
CA MET A 509 10.51 -24.63 6.15
C MET A 509 11.62 -23.60 5.96
N VAL A 510 11.29 -22.30 5.89
CA VAL A 510 12.28 -21.22 5.87
C VAL A 510 13.15 -21.18 7.13
N GLN A 511 12.57 -21.35 8.33
CA GLN A 511 13.33 -21.50 9.57
C GLN A 511 14.26 -22.71 9.56
N ASN A 512 13.77 -23.87 9.06
CA ASN A 512 14.56 -25.08 8.92
C ASN A 512 15.77 -24.91 8.00
N LEU A 513 15.66 -24.20 6.86
CA LEU A 513 16.77 -23.96 5.95
C LEU A 513 17.95 -23.22 6.58
N ILE A 514 17.68 -22.16 7.37
CA ILE A 514 18.73 -21.46 8.12
C ILE A 514 19.33 -22.35 9.22
N ALA A 515 18.48 -23.12 9.92
CA ALA A 515 18.87 -24.02 10.99
C ALA A 515 19.74 -25.21 10.54
N MET A 516 19.60 -25.67 9.28
CA MET A 516 20.47 -26.68 8.71
C MET A 516 21.93 -26.24 8.62
N GLU A 517 22.20 -24.98 8.20
CA GLU A 517 23.53 -24.40 8.16
C GLU A 517 24.18 -24.28 9.53
N THR A 518 23.42 -23.84 10.56
CA THR A 518 23.91 -23.71 11.93
C THR A 518 24.15 -25.04 12.63
N SER A 519 23.66 -26.14 12.04
CA SER A 519 23.80 -27.47 12.60
C SER A 519 25.01 -28.24 12.09
N TYR A 520 25.67 -27.82 10.98
CA TYR A 520 26.72 -28.65 10.40
C TYR A 520 27.99 -27.95 9.92
N ILE A 521 27.96 -26.63 9.56
CA ILE A 521 29.12 -25.80 9.23
C ILE A 521 30.31 -26.48 8.52
N SER A 522 30.15 -26.87 7.24
CA SER A 522 31.13 -27.74 6.59
C SER A 522 32.25 -26.99 5.88
N VAL A 523 33.50 -27.19 6.34
CA VAL A 523 34.69 -26.57 5.79
C VAL A 523 35.16 -27.22 4.49
N ASN A 524 34.58 -28.38 4.13
CA ASN A 524 34.95 -29.13 2.94
C ASN A 524 34.08 -28.75 1.74
N HIS A 525 33.36 -27.61 1.85
CA HIS A 525 32.67 -26.99 0.73
C HIS A 525 33.65 -26.54 -0.36
N LYS A 526 33.28 -26.70 -1.65
CA LYS A 526 34.15 -26.43 -2.78
C LYS A 526 34.57 -24.98 -2.92
N ASP A 671 48.00 -12.37 14.48
CA ASP A 671 46.92 -12.28 13.52
C ASP A 671 45.81 -13.28 13.82
N ASP A 672 45.78 -13.76 15.06
CA ASP A 672 44.77 -14.73 15.49
C ASP A 672 43.39 -14.32 15.01
N ILE A 673 42.91 -13.18 15.50
CA ILE A 673 41.59 -12.69 15.11
C ILE A 673 41.50 -12.44 13.61
N GLU A 674 42.64 -12.13 13.01
CA GLU A 674 42.70 -11.87 11.57
C GLU A 674 42.27 -13.10 10.76
N LEU A 675 42.82 -14.26 11.13
CA LEU A 675 42.50 -15.51 10.45
C LEU A 675 41.05 -15.89 10.66
N ILE A 676 40.61 -15.87 11.92
CA ILE A 676 39.23 -16.22 12.25
C ILE A 676 38.23 -15.31 11.55
N GLN A 677 38.46 -13.99 11.53
CA GLN A 677 37.66 -12.99 10.82
C GLN A 677 37.59 -13.27 9.32
N THR A 678 38.72 -13.71 8.71
CA THR A 678 38.77 -14.20 7.33
C THR A 678 37.92 -15.44 7.10
N LEU A 679 38.04 -16.46 7.99
CA LEU A 679 37.23 -17.67 7.94
C LEU A 679 35.74 -17.40 8.09
N LEU A 680 35.36 -16.49 9.04
CA LEU A 680 33.98 -16.08 9.26
C LEU A 680 33.35 -15.48 8.03
N ALA A 681 34.06 -14.56 7.34
CA ALA A 681 33.60 -13.97 6.10
C ALA A 681 33.46 -14.99 4.98
N SER A 682 34.47 -15.86 4.79
CA SER A 682 34.49 -16.88 3.75
C SER A 682 33.33 -17.85 3.82
N TYR A 683 33.03 -18.44 5.01
CA TYR A 683 31.88 -19.32 5.15
C TYR A 683 30.56 -18.55 5.08
N PHE A 684 30.45 -17.36 5.71
CA PHE A 684 29.22 -16.58 5.72
C PHE A 684 28.76 -16.13 4.34
N ASP A 685 29.66 -15.69 3.46
CA ASP A 685 29.33 -15.40 2.08
C ASP A 685 28.82 -16.60 1.28
N VAL A 686 29.39 -17.81 1.47
CA VAL A 686 28.84 -19.03 0.88
C VAL A 686 27.42 -19.35 1.41
N VAL A 687 27.19 -19.23 2.73
CA VAL A 687 25.87 -19.37 3.34
C VAL A 687 24.87 -18.33 2.85
N ARG A 688 25.32 -17.08 2.66
CA ARG A 688 24.56 -15.99 2.10
C ARG A 688 24.08 -16.26 0.69
N VAL A 689 24.95 -16.85 -0.16
CA VAL A 689 24.58 -17.34 -1.48
C VAL A 689 23.55 -18.47 -1.39
N ASN A 690 23.77 -19.48 -0.50
CA ASN A 690 22.82 -20.57 -0.33
C ASN A 690 21.42 -20.07 0.09
N MET A 691 21.34 -19.15 1.05
CA MET A 691 20.06 -18.69 1.58
C MET A 691 19.38 -17.60 0.76
N MET A 692 20.09 -16.88 -0.13
CA MET A 692 19.43 -16.00 -1.10
C MET A 692 18.68 -16.77 -2.17
N ASP A 693 19.26 -17.83 -2.75
CA ASP A 693 18.61 -18.64 -3.76
C ASP A 693 17.58 -19.64 -3.20
N MET A 694 17.90 -20.34 -2.08
CA MET A 694 17.02 -21.37 -1.52
C MET A 694 15.68 -20.89 -0.95
N VAL A 695 15.63 -19.73 -0.28
CA VAL A 695 14.37 -19.22 0.28
C VAL A 695 13.29 -18.88 -0.75
N PRO A 696 13.52 -18.19 -1.89
CA PRO A 696 12.60 -18.14 -3.02
C PRO A 696 12.10 -19.47 -3.49
N LYS A 697 12.99 -20.48 -3.63
CA LYS A 697 12.62 -21.83 -4.01
C LYS A 697 11.66 -22.50 -3.03
N ALA A 698 11.87 -22.31 -1.71
CA ALA A 698 10.95 -22.73 -0.68
C ALA A 698 9.59 -22.04 -0.75
N ILE A 699 9.58 -20.70 -0.95
CA ILE A 699 8.36 -19.91 -1.13
C ILE A 699 7.61 -20.30 -2.38
N MET A 700 8.31 -20.57 -3.49
CA MET A 700 7.70 -21.14 -4.68
C MET A 700 7.05 -22.49 -4.43
N SER A 701 7.75 -23.43 -3.76
CA SER A 701 7.21 -24.75 -3.45
C SER A 701 6.01 -24.74 -2.50
N PHE A 702 6.10 -24.04 -1.35
CA PHE A 702 5.12 -24.21 -0.29
C PHE A 702 4.04 -23.15 -0.31
N LEU A 703 4.18 -22.10 -1.13
CA LEU A 703 3.20 -21.03 -1.19
C LEU A 703 2.75 -20.79 -2.63
N VAL A 704 3.60 -20.23 -3.51
CA VAL A 704 3.20 -19.78 -4.85
C VAL A 704 2.74 -20.87 -5.82
N LEU A 705 3.46 -22.01 -5.94
CA LEU A 705 3.03 -23.11 -6.79
C LEU A 705 1.86 -23.85 -6.15
N ARG A 706 1.97 -24.14 -4.85
CA ARG A 706 0.96 -24.84 -4.07
C ARG A 706 -0.39 -24.15 -4.06
N ALA A 707 -0.42 -22.81 -4.01
CA ALA A 707 -1.61 -22.01 -4.16
C ALA A 707 -2.34 -22.14 -5.48
N ARG A 708 -1.62 -22.19 -6.62
CA ARG A 708 -2.17 -22.27 -7.96
C ARG A 708 -2.96 -23.54 -8.21
N ASP A 709 -2.34 -24.70 -7.93
CA ASP A 709 -2.90 -26.02 -8.16
C ASP A 709 -4.16 -26.23 -7.34
N ARG A 710 -4.06 -25.83 -6.07
CA ARG A 710 -5.09 -25.85 -5.05
C ARG A 710 -6.29 -24.96 -5.33
N MET A 711 -6.09 -23.74 -5.87
CA MET A 711 -7.15 -22.76 -6.10
C MET A 711 -8.24 -23.28 -7.01
N GLN A 712 -7.83 -24.06 -8.05
CA GLN A 712 -8.70 -24.69 -9.00
C GLN A 712 -9.76 -25.61 -8.39
N SER A 713 -9.41 -26.38 -7.34
CA SER A 713 -10.33 -27.34 -6.75
C SER A 713 -10.85 -26.98 -5.37
N ARG A 714 -10.05 -26.35 -4.47
CA ARG A 714 -10.56 -25.94 -3.16
C ARG A 714 -11.59 -24.84 -3.23
N LEU A 715 -11.38 -23.83 -4.11
CA LEU A 715 -12.34 -22.75 -4.30
C LEU A 715 -13.68 -23.27 -4.81
N VAL A 716 -13.65 -24.22 -5.78
CA VAL A 716 -14.84 -24.92 -6.23
C VAL A 716 -15.49 -25.77 -5.14
N ALA A 717 -14.71 -26.55 -4.36
CA ALA A 717 -15.24 -27.51 -3.41
C ALA A 717 -16.13 -26.93 -2.32
N ASP A 718 -15.66 -25.85 -1.69
CA ASP A 718 -16.42 -25.21 -0.63
C ASP A 718 -17.63 -24.47 -1.17
N LEU A 719 -17.46 -23.82 -2.32
CA LEU A 719 -18.54 -23.08 -2.96
C LEU A 719 -19.61 -24.02 -3.50
N TYR A 720 -19.36 -25.32 -3.39
CA TYR A 720 -20.30 -26.33 -3.87
C TYR A 720 -20.47 -27.45 -2.86
N LYS A 721 -20.32 -27.12 -1.58
CA LYS A 721 -20.45 -28.09 -0.52
C LYS A 721 -21.19 -27.64 0.71
N PRO A 722 -21.31 -26.38 1.04
CA PRO A 722 -21.92 -26.08 2.29
C PRO A 722 -23.29 -26.62 2.55
N GLU A 723 -24.04 -26.97 1.50
CA GLU A 723 -25.42 -27.36 1.56
C GLU A 723 -26.20 -26.09 1.73
N ARG A 724 -25.45 -25.01 2.00
CA ARG A 724 -25.88 -23.66 2.05
C ARG A 724 -26.10 -23.36 0.63
N MET A 725 -25.37 -24.02 -0.29
CA MET A 725 -25.61 -23.80 -1.69
C MET A 725 -26.85 -24.63 -1.97
N SER A 726 -27.74 -24.29 -2.90
CA SER A 726 -27.69 -23.11 -3.71
C SER A 726 -28.51 -22.05 -3.00
N GLU A 727 -28.92 -22.29 -1.75
CA GLU A 727 -29.66 -21.29 -1.01
C GLU A 727 -28.66 -20.16 -0.83
N LEU A 728 -27.42 -20.55 -0.52
CA LEU A 728 -26.29 -19.64 -0.34
C LEU A 728 -25.98 -18.99 -1.68
N LEU A 729 -26.05 -19.80 -2.72
CA LEU A 729 -25.86 -19.33 -4.09
C LEU A 729 -27.07 -18.48 -4.46
N ASN A 730 -28.23 -19.04 -4.13
CA ASN A 730 -29.51 -18.42 -4.40
C ASN A 730 -29.56 -17.12 -3.66
N GLU A 731 -28.93 -17.13 -2.49
CA GLU A 731 -28.87 -15.97 -1.64
C GLU A 731 -28.21 -14.90 -2.49
N SER A 732 -27.27 -15.32 -3.32
CA SER A 732 -26.58 -14.40 -4.21
C SER A 732 -27.59 -13.83 -5.21
N SER A 733 -28.76 -14.47 -5.30
CA SER A 733 -29.77 -14.04 -6.27
C SER A 733 -30.30 -12.62 -6.08
N ASP A 734 -30.60 -12.23 -4.86
CA ASP A 734 -31.11 -10.89 -4.59
C ASP A 734 -32.56 -10.77 -5.03
N VAL A 735 -33.18 -11.90 -5.36
CA VAL A 735 -34.58 -11.94 -5.80
C VAL A 735 -34.78 -11.59 -7.27
N ALA A 736 -33.69 -11.40 -8.01
CA ALA A 736 -33.77 -11.07 -9.43
C ALA A 736 -34.21 -9.62 -9.62
N GLU A 737 -34.12 -8.85 -8.54
CA GLU A 737 -34.50 -7.44 -8.52
C GLU A 737 -33.31 -6.49 -8.58
N ARG A 738 -32.23 -6.84 -7.86
CA ARG A 738 -31.05 -5.98 -7.81
C ARG A 738 -30.48 -5.63 -9.19
N ARG A 739 -31.02 -6.29 -10.22
CA ARG A 739 -30.55 -6.08 -11.59
C ARG A 739 -30.69 -4.63 -12.03
N ALA A 740 -31.77 -3.96 -11.65
CA ALA A 740 -31.95 -2.56 -12.02
C ALA A 740 -30.84 -1.71 -11.41
N THR A 741 -30.48 -2.03 -10.17
CA THR A 741 -29.41 -1.33 -9.47
C THR A 741 -28.08 -1.54 -10.19
N ALA A 742 -27.86 -2.76 -10.66
CA ALA A 742 -26.66 -3.02 -11.43
C ALA A 742 -26.65 -1.93 -12.50
N LYS A 743 -27.85 -1.53 -12.92
CA LYS A 743 -28.03 -0.47 -13.91
C LYS A 743 -27.58 0.84 -13.28
N ARG A 744 -27.83 0.99 -11.97
CA ARG A 744 -27.41 2.17 -11.23
C ARG A 744 -25.90 2.20 -11.41
N MET A 745 -25.43 1.04 -11.86
CA MET A 745 -24.05 0.78 -12.17
C MET A 745 -23.71 0.83 -13.68
N VAL A 746 -24.61 0.31 -14.57
CA VAL A 746 -24.51 0.45 -16.04
C VAL A 746 -24.59 1.90 -16.50
N ASP A 747 -25.54 2.70 -15.96
CA ASP A 747 -25.71 4.11 -16.30
C ASP A 747 -24.45 4.91 -16.04
N LEU A 748 -23.80 4.69 -14.88
CA LEU A 748 -22.59 5.39 -14.48
C LEU A 748 -21.40 5.13 -15.41
N LEU A 749 -21.20 3.90 -15.90
CA LEU A 749 -20.24 3.66 -16.97
C LEU A 749 -20.58 4.31 -18.29
N GLN A 750 -21.87 4.34 -18.69
CA GLN A 750 -22.29 5.06 -19.90
C GLN A 750 -21.99 6.56 -19.82
N ARG A 751 -22.27 7.18 -18.66
CA ARG A 751 -21.88 8.54 -18.36
C ARG A 751 -20.36 8.73 -18.31
N GLY A 752 -19.63 7.78 -17.68
CA GLY A 752 -18.17 7.83 -17.55
C GLY A 752 -17.43 7.66 -18.83
N MET A 753 -17.94 6.83 -19.76
CA MET A 753 -17.41 6.69 -21.11
C MET A 753 -17.50 8.00 -21.89
N ALA A 754 -18.62 8.74 -21.74
CA ALA A 754 -18.80 10.04 -22.36
C ALA A 754 -17.84 11.12 -21.82
N VAL A 755 -17.31 10.94 -20.59
CA VAL A 755 -16.31 11.81 -19.99
C VAL A 755 -14.89 11.49 -20.49
N ILE A 756 -14.69 10.33 -21.17
CA ILE A 756 -13.41 9.88 -21.68
C ILE A 756 -13.30 10.11 -23.20
N ASN A 757 -14.38 10.57 -23.85
CA ASN A 757 -14.42 10.80 -25.28
C ASN A 757 -14.20 12.30 -25.65
#